data_7SDY
#
_entry.id   7SDY
#
_cell.length_a   106.630
_cell.length_b   106.630
_cell.length_c   93.346
_cell.angle_alpha   90.000
_cell.angle_beta   90.000
_cell.angle_gamma   120.000
#
_symmetry.space_group_name_H-M   'H 3'
#
loop_
_entity.id
_entity.type
_entity.pdbx_description
1 polymer "DNA (5'-D(*GP*AP*GP*CP*AP*GP*CP*CP*TP*GP*TP*CP*TP*GP*GP*AP*CP*AP*TP*CP*A)-3')"
2 polymer "DNA (5'-D(P*CP*CP*AP*UP*AP*CP*A)-3')"
3 polymer "DNA (5'-D(P*GP*GP*CP*TP*GP*CP*T)-3')"
4 polymer "DNA (5'-D(P*CP*TP*GP*AP*TP*GP*T)-3')"
5 non-polymer 'MERCURY (II) ION'
#
loop_
_entity_poly.entity_id
_entity_poly.type
_entity_poly.pdbx_seq_one_letter_code
_entity_poly.pdbx_strand_id
1 'polydeoxyribonucleotide'
;(DG)(DA)(DG)(DC)(DA)(DG)(DC)(DC)(DT)(DG)(DT)(DC)(DT)(DG)(DG)(DA)(DC)(DA)(DT)(DC)
(DA)
;
A
2 'polydeoxyribonucleotide' (DC)(DC)(DA)(DU)(DA)(DC)(DA) B
3 'polydeoxyribonucleotide' (DG)(DG)(DC)(DT)(DG)(DC)(DT) C
4 'polydeoxyribonucleotide' (DC)(DT)(DG)(DA)(DT)(DG)(DT) D
#
loop_
_chem_comp.id
_chem_comp.type
_chem_comp.name
_chem_comp.formula
DA DNA linking 2'-DEOXYADENOSINE-5'-MONOPHOSPHATE 'C10 H14 N5 O6 P'
DC DNA linking 2'-DEOXYCYTIDINE-5'-MONOPHOSPHATE 'C9 H14 N3 O7 P'
DG DNA linking 2'-DEOXYGUANOSINE-5'-MONOPHOSPHATE 'C10 H14 N5 O7 P'
DT DNA linking THYMIDINE-5'-MONOPHOSPHATE 'C10 H15 N2 O8 P'
DU DNA linking 2'-DEOXYURIDINE-5'-MONOPHOSPHATE 'C9 H13 N2 O8 P'
HG non-polymer 'MERCURY (II) ION' 'Hg 2'
#
# COMPACT_ATOMS: atom_id res chain seq x y z
HG HG E . 0.00 0.00 0.00
#